data_1FL7
#
_entry.id   1FL7
#
_cell.length_a   128.300
_cell.length_b   128.300
_cell.length_c   155.220
_cell.angle_alpha   90.00
_cell.angle_beta   90.00
_cell.angle_gamma   90.00
#
_symmetry.space_group_name_H-M   'P 41 21 2'
#
loop_
_entity.id
_entity.type
_entity.pdbx_description
1 polymer 'FOLLICLE STIMULATING PROTEIN ALPHA CHAIN'
2 polymer 'FOLLICLE STIMULATING PROTEIN BETA CHAIN'
3 branched 2-acetamido-2-deoxy-alpha-D-glucopyranose-(1-4)-2-acetamido-2-deoxy-beta-D-glucopyranose
4 branched alpha-D-mannopyranose-(1-4)-2-acetamido-2-deoxy-beta-D-glucopyranose-(1-4)-2-acetamido-2-deoxy-beta-D-glucopyranose
5 branched 2-acetamido-2-deoxy-beta-D-glucopyranose-(1-4)-2-acetamido-2-deoxy-beta-D-glucopyranose
6 branched alpha-D-mannopyranose-(1-4)-2-acetamido-2-deoxy-alpha-D-glucopyranose-(1-4)-2-acetamido-2-deoxy-beta-D-glucopyranose
7 non-polymer 'SULFATE ION'
#
loop_
_entity_poly.entity_id
_entity_poly.type
_entity_poly.pdbx_seq_one_letter_code
_entity_poly.pdbx_strand_id
1 'polypeptide(L)'
;APDVQDCPECTLQENPFFSQPGAPILQCMGCCFSRAYPTPLRSKKTMLVQKNVTSESTCCVAKSYNRVTVMGGFKVENHT
ACHCSTCYYHKS
;
A,C
2 'polypeptide(L)'
;NSCELTNITIAIEKEECRFCISINTAWCAGYCYTRDLVYKDPARPKIQKTCTFKELVYETVRVPGCAHHADSLYTYPVAT
QCHCGKCDSDSTDCTVRGLGPSYCSFGEMKE
;
B,D
#
# COMPACT_ATOMS: atom_id res chain seq x y z
N GLN A 5 12.83 13.86 16.39
CA GLN A 5 12.68 12.95 17.56
C GLN A 5 11.25 13.07 18.11
N ASP A 6 10.49 14.01 17.55
CA ASP A 6 9.10 14.21 18.00
C ASP A 6 8.34 12.93 17.67
N CYS A 7 8.68 12.34 16.53
CA CYS A 7 8.04 11.12 16.06
C CYS A 7 9.11 10.21 15.47
N PRO A 8 9.67 9.30 16.29
CA PRO A 8 10.71 8.37 15.84
C PRO A 8 10.36 7.61 14.58
N GLU A 9 11.32 7.56 13.68
CA GLU A 9 11.16 6.86 12.41
C GLU A 9 10.91 5.38 12.62
N CYS A 10 9.91 4.86 11.93
CA CYS A 10 9.51 3.45 11.94
C CYS A 10 10.68 2.46 11.84
N THR A 11 10.86 1.61 12.84
CA THR A 11 11.96 0.63 12.86
C THR A 11 11.59 -0.61 13.66
N LEU A 12 12.55 -1.52 13.85
CA LEU A 12 12.31 -2.73 14.62
C LEU A 12 12.65 -2.45 16.08
N GLN A 13 11.93 -3.11 16.98
CA GLN A 13 12.15 -2.96 18.41
C GLN A 13 11.90 -4.33 18.98
N GLU A 14 12.62 -4.71 20.03
CA GLU A 14 12.39 -6.02 20.63
C GLU A 14 11.04 -5.99 21.31
N ASN A 15 10.21 -6.99 21.06
CA ASN A 15 8.89 -7.03 21.70
C ASN A 15 9.02 -7.83 22.97
N PRO A 16 9.06 -7.14 24.13
CA PRO A 16 9.20 -7.73 25.47
C PRO A 16 8.21 -8.85 25.79
N PHE A 17 6.95 -8.65 25.44
CA PHE A 17 5.93 -9.65 25.72
C PHE A 17 6.15 -11.02 25.08
N PHE A 18 6.90 -11.08 23.99
CA PHE A 18 7.11 -12.35 23.33
C PHE A 18 8.58 -12.69 23.17
N SER A 19 9.44 -11.74 23.47
CA SER A 19 10.87 -12.01 23.32
C SER A 19 11.28 -13.02 24.37
N GLN A 20 12.39 -13.71 24.13
CA GLN A 20 12.92 -14.69 25.08
C GLN A 20 14.43 -14.73 25.01
N PRO A 21 15.09 -15.21 26.07
CA PRO A 21 16.56 -15.30 26.13
C PRO A 21 17.22 -15.80 24.85
N GLY A 22 18.25 -15.07 24.41
CA GLY A 22 18.98 -15.44 23.21
C GLY A 22 18.20 -15.31 21.91
N ALA A 23 16.90 -15.56 21.96
CA ALA A 23 16.04 -15.47 20.79
C ALA A 23 14.95 -14.40 20.96
N PRO A 24 15.24 -13.16 20.52
CA PRO A 24 14.29 -12.05 20.64
C PRO A 24 13.14 -12.26 19.67
N ILE A 25 12.51 -11.17 19.28
CA ILE A 25 11.41 -11.15 18.34
C ILE A 25 11.13 -9.68 18.06
N LEU A 26 11.65 -9.21 16.94
CA LEU A 26 11.51 -7.82 16.54
C LEU A 26 10.14 -7.48 16.02
N GLN A 27 9.81 -6.20 16.07
CA GLN A 27 8.51 -5.72 15.62
C GLN A 27 8.65 -4.33 15.02
N CYS A 28 7.87 -4.06 13.98
CA CYS A 28 7.93 -2.75 13.37
C CYS A 28 6.96 -1.85 14.09
N MET A 29 7.40 -0.63 14.37
CA MET A 29 6.58 0.37 15.04
C MET A 29 7.34 1.64 14.87
N GLY A 30 6.62 2.75 14.78
CA GLY A 30 7.29 4.01 14.58
C GLY A 30 6.37 4.94 13.82
N CYS A 31 6.93 6.00 13.25
CA CYS A 31 6.13 6.98 12.54
C CYS A 31 6.29 6.98 11.04
N CYS A 32 5.27 7.50 10.38
CA CYS A 32 5.24 7.58 8.94
C CYS A 32 4.47 8.80 8.49
N PHE A 33 4.87 9.34 7.34
CA PHE A 33 4.22 10.51 6.77
C PHE A 33 2.81 10.22 6.26
N SER A 34 1.95 11.21 6.38
CA SER A 34 0.58 11.07 6.00
C SER A 34 0.06 12.47 5.75
N ARG A 35 -1.12 12.59 5.13
CA ARG A 35 -1.68 13.90 4.86
C ARG A 35 -3.10 13.82 4.32
N ALA A 36 -3.76 14.95 4.30
CA ALA A 36 -5.12 15.02 3.79
C ALA A 36 -5.28 16.34 3.05
N TYR A 37 -6.00 16.30 1.93
CA TYR A 37 -6.23 17.49 1.13
C TYR A 37 -7.57 17.34 0.40
N PRO A 38 -8.12 18.45 -0.11
CA PRO A 38 -9.41 18.45 -0.84
C PRO A 38 -9.33 17.52 -2.04
N THR A 39 -10.35 16.70 -2.25
CA THR A 39 -10.31 15.77 -3.38
C THR A 39 -10.34 16.47 -4.72
N PRO A 40 -9.39 16.15 -5.61
CA PRO A 40 -9.36 16.78 -6.92
C PRO A 40 -10.61 16.37 -7.67
N LEU A 41 -10.94 17.08 -8.75
CA LEU A 41 -12.13 16.79 -9.53
C LEU A 41 -12.16 15.44 -10.25
N ARG A 42 -11.11 15.15 -11.02
CA ARG A 42 -11.02 13.89 -11.78
C ARG A 42 -11.37 12.64 -10.96
N SER A 43 -11.11 12.67 -9.66
CA SER A 43 -11.39 11.53 -8.80
C SER A 43 -12.80 11.63 -8.22
N LYS A 44 -13.23 12.85 -7.92
CA LYS A 44 -14.55 13.10 -7.38
C LYS A 44 -15.59 12.68 -8.42
N LYS A 45 -15.11 12.44 -9.64
CA LYS A 45 -15.95 12.01 -10.75
C LYS A 45 -16.05 10.49 -10.75
N THR A 46 -14.90 9.84 -10.88
CA THR A 46 -14.81 8.37 -10.89
C THR A 46 -15.38 7.84 -9.58
N MET A 47 -15.64 8.75 -8.67
CA MET A 47 -16.16 8.44 -7.34
C MET A 47 -17.70 8.43 -7.34
N LEU A 48 -18.29 7.29 -7.73
CA LEU A 48 -19.74 7.16 -7.75
C LEU A 48 -20.20 7.38 -6.30
N VAL A 49 -19.34 7.04 -5.37
CA VAL A 49 -19.58 7.20 -3.95
C VAL A 49 -18.81 8.47 -3.53
N GLN A 50 -19.29 9.61 -4.02
CA GLN A 50 -18.67 10.93 -3.78
C GLN A 50 -18.16 11.25 -2.37
N LYS A 51 -16.89 11.64 -2.30
CA LYS A 51 -16.23 12.02 -1.04
C LYS A 51 -15.51 13.36 -1.23
N ASN A 52 -15.79 14.32 -0.35
CA ASN A 52 -15.22 15.65 -0.42
C ASN A 52 -13.74 15.79 -0.01
N VAL A 53 -13.24 14.86 0.80
CA VAL A 53 -11.84 14.91 1.23
C VAL A 53 -11.07 13.64 0.90
N THR A 54 -9.74 13.76 0.88
CA THR A 54 -8.87 12.64 0.59
C THR A 54 -7.72 12.59 1.57
N SER A 55 -7.39 11.38 2.03
CA SER A 55 -6.28 11.19 2.98
C SER A 55 -5.36 10.10 2.41
N GLU A 56 -4.05 10.33 2.51
CA GLU A 56 -3.07 9.37 2.01
C GLU A 56 -2.36 8.68 3.17
N SER A 57 -3.03 7.69 3.76
CA SER A 57 -2.52 6.92 4.89
C SER A 57 -1.26 6.12 4.58
N THR A 58 -0.43 5.94 5.61
CA THR A 58 0.82 5.19 5.47
C THR A 58 1.41 4.83 6.82
N CYS A 59 0.93 3.73 7.39
CA CYS A 59 1.36 3.19 8.70
C CYS A 59 2.64 2.32 8.55
N CYS A 60 3.31 2.07 9.67
CA CYS A 60 4.54 1.27 9.73
C CYS A 60 4.19 -0.22 9.69
N VAL A 61 4.81 -0.95 8.77
CA VAL A 61 4.50 -2.37 8.62
C VAL A 61 5.73 -3.19 8.24
N ALA A 62 5.74 -4.45 8.63
CA ALA A 62 6.86 -5.34 8.34
C ALA A 62 7.00 -5.54 6.86
N LYS A 63 8.24 -5.53 6.38
CA LYS A 63 8.50 -5.74 4.97
C LYS A 63 8.70 -7.21 4.79
N SER A 64 9.01 -7.89 5.91
CA SER A 64 9.23 -9.32 5.89
C SER A 64 9.25 -9.90 7.30
N TYR A 65 8.81 -11.14 7.44
CA TYR A 65 8.79 -11.81 8.73
C TYR A 65 8.92 -13.31 8.57
N ASN A 66 9.34 -13.97 9.65
CA ASN A 66 9.53 -15.40 9.67
C ASN A 66 8.30 -16.14 10.15
N ARG A 67 7.81 -15.72 11.31
CA ARG A 67 6.66 -16.33 11.98
C ARG A 67 7.18 -17.57 12.70
N VAL A 68 7.50 -17.38 13.97
CA VAL A 68 8.03 -18.45 14.79
C VAL A 68 6.98 -18.90 15.80
N THR A 69 7.31 -19.98 16.52
CA THR A 69 6.44 -20.52 17.56
C THR A 69 7.10 -20.08 18.86
N VAL A 70 6.30 -19.71 19.84
CA VAL A 70 6.85 -19.27 21.11
C VAL A 70 6.10 -19.74 22.34
N MET A 71 6.75 -19.55 23.50
CA MET A 71 6.22 -19.91 24.81
C MET A 71 4.77 -20.39 24.80
N GLY A 72 3.84 -19.42 24.80
CA GLY A 72 2.42 -19.71 24.83
C GLY A 72 1.87 -20.80 23.93
N GLY A 73 2.72 -21.40 23.10
CA GLY A 73 2.29 -22.45 22.21
C GLY A 73 1.69 -21.91 20.92
N PHE A 74 1.69 -20.59 20.78
CA PHE A 74 1.15 -19.96 19.57
C PHE A 74 2.26 -19.40 18.69
N LYS A 75 1.87 -18.92 17.50
CA LYS A 75 2.85 -18.39 16.56
C LYS A 75 2.68 -16.91 16.29
N VAL A 76 3.78 -16.18 16.45
CA VAL A 76 3.81 -14.74 16.22
C VAL A 76 4.70 -14.42 15.03
N GLU A 77 4.57 -13.21 14.49
CA GLU A 77 5.38 -12.79 13.37
C GLU A 77 6.67 -12.23 13.93
N ASN A 78 7.80 -12.63 13.39
CA ASN A 78 9.07 -12.11 13.84
C ASN A 78 9.68 -11.22 12.75
N HIS A 79 9.26 -9.96 12.70
CA HIS A 79 9.75 -8.99 11.71
C HIS A 79 11.27 -8.88 11.56
N THR A 80 11.72 -8.70 10.32
CA THR A 80 13.15 -8.61 10.02
C THR A 80 13.54 -7.35 9.25
N ALA A 81 12.55 -6.69 8.68
CA ALA A 81 12.76 -5.45 7.94
C ALA A 81 11.45 -4.67 8.03
N CYS A 82 11.54 -3.35 7.99
CA CYS A 82 10.34 -2.53 8.11
C CYS A 82 10.33 -1.41 7.10
N HIS A 83 9.14 -0.84 6.88
CA HIS A 83 8.97 0.29 5.97
C HIS A 83 7.58 0.87 6.11
N CYS A 84 7.42 2.14 5.72
CA CYS A 84 6.11 2.79 5.79
C CYS A 84 5.33 2.48 4.51
N SER A 85 4.39 1.56 4.58
CA SER A 85 3.63 1.21 3.40
C SER A 85 2.14 1.36 3.68
N THR A 86 1.30 0.64 2.96
CA THR A 86 -0.14 0.80 3.15
C THR A 86 -0.74 0.17 4.40
N CYS A 87 -1.83 0.76 4.90
CA CYS A 87 -2.45 0.23 6.11
C CYS A 87 -3.39 -0.93 5.84
N TYR A 88 -2.90 -2.13 6.10
CA TYR A 88 -3.72 -3.34 5.99
C TYR A 88 -3.81 -3.62 7.50
N TYR A 89 -5.00 -3.89 8.01
CA TYR A 89 -5.18 -4.11 9.45
C TYR A 89 -4.92 -5.54 9.90
N HIS A 90 -4.86 -5.72 11.22
CA HIS A 90 -4.59 -7.03 11.79
C HIS A 90 -5.61 -7.43 12.86
N CYS B 3 1.95 15.55 12.90
CA CYS B 3 0.77 15.84 12.05
C CYS B 3 0.30 17.25 12.26
N GLU B 4 1.13 18.22 11.89
CA GLU B 4 0.77 19.63 12.02
C GLU B 4 -0.40 19.97 11.08
N LEU B 5 -0.51 21.24 10.76
CA LEU B 5 -1.56 21.73 9.87
C LEU B 5 -0.81 22.76 9.07
N THR B 6 -0.44 22.39 7.85
CA THR B 6 0.33 23.27 6.99
C THR B 6 -0.40 23.81 5.77
N ASN B 7 0.18 24.87 5.20
CA ASN B 7 -0.36 25.53 4.01
C ASN B 7 0.07 24.79 2.77
N ILE B 8 -0.91 24.41 1.96
CA ILE B 8 -0.60 23.71 0.72
C ILE B 8 -1.19 24.51 -0.41
N THR B 9 -1.19 23.94 -1.61
CA THR B 9 -1.76 24.63 -2.75
C THR B 9 -2.70 23.71 -3.50
N ILE B 10 -4.00 23.83 -3.23
CA ILE B 10 -4.94 23.00 -3.94
C ILE B 10 -5.12 23.60 -5.34
N ALA B 11 -5.86 22.91 -6.18
CA ALA B 11 -6.08 23.36 -7.54
C ALA B 11 -7.55 23.19 -7.86
N ILE B 12 -8.18 24.29 -8.25
CA ILE B 12 -9.59 24.27 -8.59
C ILE B 12 -9.70 24.37 -10.09
N GLU B 13 -10.60 23.61 -10.70
CA GLU B 13 -10.70 23.66 -12.14
C GLU B 13 -12.10 23.75 -12.72
N LYS B 14 -12.18 24.35 -13.91
CA LYS B 14 -13.43 24.51 -14.64
C LYS B 14 -13.35 23.60 -15.86
N GLU B 15 -13.96 22.41 -15.76
CA GLU B 15 -13.96 21.44 -16.86
C GLU B 15 -14.20 22.10 -18.23
N GLU B 16 -15.18 22.98 -18.30
CA GLU B 16 -15.54 23.66 -19.54
C GLU B 16 -14.50 24.60 -20.12
N CYS B 17 -13.71 25.24 -19.27
CA CYS B 17 -12.70 26.18 -19.74
C CYS B 17 -11.26 25.71 -19.91
N ARG B 18 -11.04 24.41 -19.84
CA ARG B 18 -9.68 23.88 -20.02
C ARG B 18 -8.57 24.42 -19.11
N PHE B 19 -8.90 25.11 -18.03
CA PHE B 19 -7.85 25.63 -17.15
C PHE B 19 -8.14 25.42 -15.65
N CYS B 20 -7.14 25.74 -14.82
CA CYS B 20 -7.27 25.58 -13.37
C CYS B 20 -6.68 26.79 -12.67
N ILE B 21 -7.21 27.10 -11.48
CA ILE B 21 -6.71 28.21 -10.68
C ILE B 21 -6.03 27.59 -9.46
N SER B 22 -5.08 28.30 -8.85
CA SER B 22 -4.39 27.78 -7.69
C SER B 22 -4.65 28.61 -6.46
N ILE B 23 -5.36 28.00 -5.50
CA ILE B 23 -5.67 28.64 -4.23
C ILE B 23 -4.66 28.16 -3.22
N ASN B 24 -4.32 29.02 -2.27
CA ASN B 24 -3.36 28.62 -1.26
C ASN B 24 -4.09 28.44 0.08
N THR B 25 -4.72 27.28 0.22
CA THR B 25 -5.48 26.93 1.41
C THR B 25 -4.64 26.14 2.43
N ALA B 26 -5.18 25.97 3.64
CA ALA B 26 -4.46 25.25 4.68
C ALA B 26 -5.08 23.89 5.02
N TRP B 27 -4.22 22.88 5.16
CA TRP B 27 -4.65 21.54 5.47
C TRP B 27 -3.70 20.77 6.38
N CYS B 28 -3.89 19.46 6.40
CA CYS B 28 -3.12 18.54 7.25
C CYS B 28 -2.00 17.74 6.59
N ALA B 29 -0.95 17.48 7.36
CA ALA B 29 0.18 16.69 6.90
C ALA B 29 1.16 16.53 8.06
N GLY B 30 1.97 15.48 7.99
CA GLY B 30 2.93 15.24 9.06
C GLY B 30 3.09 13.78 9.37
N TYR B 31 3.54 13.47 10.59
CA TYR B 31 3.75 12.10 11.02
C TYR B 31 2.84 11.57 12.14
N CYS B 32 2.70 10.26 12.20
CA CYS B 32 1.89 9.62 13.22
C CYS B 32 2.54 8.29 13.54
N TYR B 33 2.29 7.81 14.75
CA TYR B 33 2.86 6.56 15.25
C TYR B 33 1.96 5.38 15.00
N THR B 34 2.55 4.28 14.55
CA THR B 34 1.79 3.05 14.32
C THR B 34 2.70 1.83 14.59
N ARG B 35 2.07 0.70 14.91
CA ARG B 35 2.78 -0.53 15.18
C ARG B 35 2.16 -1.65 14.37
N ASP B 36 2.98 -2.53 13.83
CA ASP B 36 2.47 -3.66 13.08
C ASP B 36 2.44 -4.81 14.06
N LEU B 37 1.26 -5.13 14.55
CA LEU B 37 1.11 -6.20 15.54
C LEU B 37 1.76 -7.52 15.17
N VAL B 38 2.61 -7.99 16.07
CA VAL B 38 3.30 -9.26 15.90
C VAL B 38 2.34 -10.43 16.12
N TYR B 39 1.31 -10.18 16.92
CA TYR B 39 0.29 -11.19 17.20
C TYR B 39 -1.01 -10.62 16.66
N LYS B 40 -1.53 -11.22 15.59
CA LYS B 40 -2.75 -10.70 15.02
C LYS B 40 -3.95 -11.54 15.39
N ASP B 41 -4.76 -11.02 16.31
CA ASP B 41 -5.96 -11.68 16.76
C ASP B 41 -6.97 -11.61 15.62
N PRO B 42 -7.53 -12.76 15.23
CA PRO B 42 -8.52 -12.86 14.14
C PRO B 42 -9.66 -11.87 14.31
N ALA B 43 -9.95 -11.55 15.56
CA ALA B 43 -11.01 -10.61 15.89
C ALA B 43 -10.57 -9.18 15.55
N ARG B 44 -10.70 -8.79 14.28
CA ARG B 44 -10.31 -7.46 13.83
C ARG B 44 -10.86 -6.40 14.77
N PRO B 45 -10.25 -5.20 14.77
CA PRO B 45 -9.12 -4.83 13.93
C PRO B 45 -8.10 -3.97 14.68
N LYS B 46 -8.24 -2.66 14.48
CA LYS B 46 -7.40 -1.59 15.04
C LYS B 46 -7.05 -0.69 13.86
N ILE B 47 -7.97 0.21 13.53
CA ILE B 47 -7.84 1.13 12.41
C ILE B 47 -6.49 1.83 12.17
N GLN B 48 -5.64 1.92 13.19
CA GLN B 48 -4.35 2.59 13.05
C GLN B 48 -4.63 4.07 12.81
N LYS B 49 -3.92 4.95 13.50
CA LYS B 49 -4.16 6.38 13.36
C LYS B 49 -3.47 6.94 12.12
N THR B 50 -3.82 8.17 11.74
CA THR B 50 -3.23 8.79 10.57
C THR B 50 -3.46 10.30 10.58
N CYS B 51 -2.58 11.05 9.92
CA CYS B 51 -2.71 12.51 9.85
C CYS B 51 -3.93 12.85 9.01
N THR B 52 -4.81 13.69 9.52
CA THR B 52 -6.01 14.02 8.77
C THR B 52 -6.75 15.20 9.38
N PHE B 53 -8.03 15.35 9.11
CA PHE B 53 -8.72 16.48 9.69
C PHE B 53 -9.59 16.13 10.89
N LYS B 54 -9.67 17.09 11.81
CA LYS B 54 -10.46 16.95 13.02
C LYS B 54 -11.67 17.88 12.84
N GLU B 55 -11.41 19.04 12.24
CA GLU B 55 -12.45 20.05 11.97
C GLU B 55 -12.20 20.72 10.63
N LEU B 56 -13.25 20.83 9.80
CA LEU B 56 -13.11 21.44 8.47
C LEU B 56 -14.20 22.44 8.10
N VAL B 57 -13.86 23.72 8.06
CA VAL B 57 -14.80 24.78 7.69
C VAL B 57 -14.71 24.98 6.18
N TYR B 58 -15.84 25.25 5.54
CA TYR B 58 -15.86 25.46 4.09
C TYR B 58 -15.62 26.91 3.67
N GLU B 59 -15.28 27.07 2.40
CA GLU B 59 -15.04 28.38 1.81
C GLU B 59 -15.51 28.36 0.37
N THR B 60 -15.42 29.51 -0.29
CA THR B 60 -15.81 29.61 -1.68
C THR B 60 -14.92 30.65 -2.32
N VAL B 61 -14.69 30.50 -3.62
CA VAL B 61 -13.85 31.43 -4.34
C VAL B 61 -14.39 31.64 -5.75
N ARG B 62 -13.89 32.68 -6.40
CA ARG B 62 -14.27 33.04 -7.75
C ARG B 62 -13.44 32.26 -8.78
N VAL B 63 -14.13 31.55 -9.68
CA VAL B 63 -13.43 30.80 -10.72
C VAL B 63 -13.76 31.36 -12.10
N PRO B 64 -12.82 32.08 -12.71
CA PRO B 64 -12.99 32.68 -14.03
C PRO B 64 -13.75 31.80 -15.01
N GLY B 65 -14.41 32.44 -15.97
CA GLY B 65 -15.16 31.72 -16.97
C GLY B 65 -14.39 31.77 -18.26
N CYS B 66 -15.08 31.75 -19.39
CA CYS B 66 -14.40 31.79 -20.67
C CYS B 66 -15.36 31.88 -21.84
N ALA B 67 -14.82 31.61 -23.02
CA ALA B 67 -15.56 31.62 -24.27
C ALA B 67 -17.06 31.59 -24.12
N HIS B 68 -17.62 30.45 -23.72
CA HIS B 68 -19.07 30.35 -23.61
C HIS B 68 -19.64 29.97 -22.25
N HIS B 69 -18.95 30.34 -21.18
CA HIS B 69 -19.42 30.03 -19.84
C HIS B 69 -19.07 31.16 -18.89
N ALA B 70 -20.02 31.53 -18.03
CA ALA B 70 -19.83 32.61 -17.07
C ALA B 70 -19.03 32.14 -15.87
N ASP B 71 -18.04 32.93 -15.47
CA ASP B 71 -17.23 32.54 -14.33
C ASP B 71 -18.15 32.34 -13.14
N SER B 72 -17.90 31.27 -12.37
CA SER B 72 -18.74 30.94 -11.22
C SER B 72 -18.07 30.89 -9.84
N LEU B 73 -18.79 30.30 -8.91
CA LEU B 73 -18.33 30.16 -7.53
C LEU B 73 -18.03 28.68 -7.22
N TYR B 74 -16.95 28.46 -6.46
CA TYR B 74 -16.56 27.11 -6.08
C TYR B 74 -16.33 27.09 -4.57
N THR B 75 -16.91 26.09 -3.91
CA THR B 75 -16.76 25.95 -2.46
C THR B 75 -15.86 24.76 -2.17
N TYR B 76 -14.85 25.00 -1.33
CA TYR B 76 -13.87 23.97 -1.00
C TYR B 76 -13.59 23.85 0.49
N PRO B 77 -13.38 22.61 0.96
CA PRO B 77 -13.09 22.36 2.38
C PRO B 77 -11.74 22.89 2.83
N VAL B 78 -11.65 23.35 4.06
CA VAL B 78 -10.41 23.87 4.61
C VAL B 78 -10.19 23.27 6.00
N ALA B 79 -8.97 22.85 6.29
CA ALA B 79 -8.67 22.23 7.57
C ALA B 79 -8.64 23.24 8.73
N THR B 80 -9.41 22.95 9.77
CA THR B 80 -9.48 23.80 10.94
C THR B 80 -8.42 23.40 11.96
N GLN B 81 -8.30 22.10 12.18
CA GLN B 81 -7.33 21.54 13.13
C GLN B 81 -6.95 20.10 12.73
N CYS B 82 -5.68 19.75 12.89
CA CYS B 82 -5.20 18.42 12.53
C CYS B 82 -4.78 17.54 13.68
N HIS B 83 -5.01 16.24 13.53
CA HIS B 83 -4.65 15.25 14.55
C HIS B 83 -4.35 13.93 13.86
N CYS B 84 -4.02 12.91 14.64
CA CYS B 84 -3.74 11.60 14.09
C CYS B 84 -4.89 10.67 14.37
N GLY B 85 -6.06 11.00 13.90
CA GLY B 85 -7.20 10.13 14.14
C GLY B 85 -7.30 9.04 13.10
N LYS B 86 -8.54 8.63 12.81
CA LYS B 86 -8.82 7.60 11.82
C LYS B 86 -9.65 8.26 10.72
N CYS B 87 -9.08 8.39 9.53
CA CYS B 87 -9.80 9.03 8.43
C CYS B 87 -11.27 8.65 8.50
N ASP B 88 -12.14 9.66 8.42
CA ASP B 88 -13.58 9.45 8.48
C ASP B 88 -14.10 8.99 7.11
N SER B 89 -14.18 7.68 6.91
CA SER B 89 -14.65 7.13 5.65
C SER B 89 -15.97 7.75 5.19
N ASP B 90 -16.75 8.25 6.13
CA ASP B 90 -18.03 8.87 5.82
C ASP B 90 -17.86 10.32 5.35
N SER B 91 -16.73 10.60 4.70
CA SER B 91 -16.46 11.95 4.21
C SER B 91 -15.13 11.98 3.50
N THR B 92 -14.29 10.98 3.76
CA THR B 92 -12.97 10.94 3.16
C THR B 92 -12.66 9.72 2.32
N ASP B 93 -11.89 9.93 1.26
CA ASP B 93 -11.47 8.84 0.41
C ASP B 93 -10.09 8.51 0.93
N CYS B 94 -10.02 7.51 1.79
CA CYS B 94 -8.76 7.12 2.38
C CYS B 94 -8.06 6.16 1.44
N THR B 95 -6.98 6.65 0.83
CA THR B 95 -6.19 5.88 -0.11
C THR B 95 -4.75 5.85 0.35
N VAL B 96 -3.89 5.21 -0.44
CA VAL B 96 -2.48 5.15 -0.12
C VAL B 96 -1.83 6.30 -0.87
N ARG B 97 -2.31 6.48 -2.10
CA ARG B 97 -1.81 7.52 -2.99
C ARG B 97 -3.01 8.04 -3.77
N GLY B 98 -3.21 9.36 -3.76
CA GLY B 98 -4.29 9.98 -4.49
C GLY B 98 -3.69 10.82 -5.61
N LEU B 99 -4.52 11.52 -6.37
CA LEU B 99 -4.03 12.36 -7.46
C LEU B 99 -3.14 13.50 -6.99
N GLY B 100 -3.37 13.97 -5.77
CA GLY B 100 -2.58 15.07 -5.25
C GLY B 100 -3.38 16.36 -5.21
N PRO B 101 -3.22 17.15 -4.16
CA PRO B 101 -3.93 18.41 -3.98
C PRO B 101 -3.94 19.36 -5.19
N SER B 102 -2.84 19.40 -5.92
CA SER B 102 -2.72 20.29 -7.05
C SER B 102 -2.93 19.65 -8.40
N TYR B 103 -3.60 18.50 -8.44
CA TYR B 103 -3.82 17.83 -9.72
C TYR B 103 -4.84 18.58 -10.55
N CYS B 104 -4.44 18.92 -11.77
CA CYS B 104 -5.32 19.64 -12.69
C CYS B 104 -5.59 18.80 -13.94
N SER B 105 -6.85 18.39 -14.12
CA SER B 105 -7.21 17.59 -15.28
C SER B 105 -7.86 18.50 -16.29
N PHE B 106 -7.11 19.51 -16.72
CA PHE B 106 -7.57 20.50 -17.68
C PHE B 106 -8.81 20.03 -18.47
N GLY B 107 -8.69 18.91 -19.15
CA GLY B 107 -9.82 18.37 -19.91
C GLY B 107 -10.16 16.98 -19.36
N GLU B 108 -11.38 16.83 -18.86
CA GLU B 108 -11.83 15.55 -18.27
C GLU B 108 -11.63 14.28 -19.10
N MET B 109 -11.55 13.15 -18.41
CA MET B 109 -11.36 11.83 -19.01
C MET B 109 -9.92 11.60 -19.46
N GLN C 5 18.54 -16.58 -11.85
CA GLN C 5 19.87 -16.30 -11.22
C GLN C 5 20.33 -14.88 -11.52
N ASP C 6 20.72 -14.16 -10.46
CA ASP C 6 21.18 -12.78 -10.56
C ASP C 6 20.13 -11.80 -11.08
N CYS C 7 19.64 -10.97 -10.18
CA CYS C 7 18.65 -9.95 -10.45
C CYS C 7 19.12 -8.75 -9.63
N PRO C 8 19.80 -7.80 -10.27
CA PRO C 8 20.36 -6.57 -9.70
C PRO C 8 19.65 -5.98 -8.50
N GLU C 9 20.43 -5.67 -7.48
CA GLU C 9 19.88 -5.08 -6.28
C GLU C 9 19.37 -3.69 -6.67
N CYS C 10 18.29 -3.27 -6.03
CA CYS C 10 17.68 -1.97 -6.30
C CYS C 10 18.63 -0.86 -5.92
N THR C 11 19.12 -0.12 -6.90
CA THR C 11 20.05 0.97 -6.63
C THR C 11 19.81 2.16 -7.53
N LEU C 12 20.60 3.20 -7.33
CA LEU C 12 20.54 4.40 -8.13
C LEU C 12 21.31 4.12 -9.42
N GLN C 13 20.74 4.56 -10.54
CA GLN C 13 21.36 4.38 -11.85
C GLN C 13 20.95 5.62 -12.65
N GLU C 14 21.71 5.96 -13.68
CA GLU C 14 21.38 7.12 -14.49
C GLU C 14 20.23 6.78 -15.39
N ASN C 15 19.27 7.70 -15.51
CA ASN C 15 18.16 7.50 -16.42
C ASN C 15 18.73 7.98 -17.74
N PRO C 16 18.88 7.08 -18.72
CA PRO C 16 19.42 7.36 -20.05
C PRO C 16 18.85 8.54 -20.78
N PHE C 17 17.54 8.64 -20.81
CA PHE C 17 16.92 9.71 -21.55
C PHE C 17 17.23 11.13 -21.07
N PHE C 18 17.00 11.40 -19.79
CA PHE C 18 17.23 12.74 -19.26
C PHE C 18 18.63 13.04 -18.76
N SER C 19 19.45 12.01 -18.59
CA SER C 19 20.81 12.25 -18.11
C SER C 19 21.70 12.85 -19.17
N GLN C 20 22.65 13.67 -18.74
CA GLN C 20 23.59 14.31 -19.65
C GLN C 20 24.90 14.45 -18.90
N PRO C 21 25.96 14.89 -19.60
CA PRO C 21 27.24 15.03 -18.91
C PRO C 21 27.21 16.17 -17.90
N GLY C 22 27.74 15.90 -16.71
CA GLY C 22 27.76 16.90 -15.65
C GLY C 22 26.39 17.32 -15.18
N ALA C 23 25.39 16.50 -15.49
CA ALA C 23 24.02 16.80 -15.09
C ALA C 23 23.15 15.56 -15.20
N PRO C 24 23.48 14.53 -14.41
CA PRO C 24 22.77 13.25 -14.36
C PRO C 24 21.35 13.35 -13.80
N ILE C 25 20.53 12.36 -14.08
CA ILE C 25 19.21 12.31 -13.49
C ILE C 25 19.21 10.89 -12.96
N LEU C 26 19.44 10.73 -11.67
CA LEU C 26 19.48 9.40 -11.07
C LEU C 26 18.06 8.84 -10.95
N GLN C 27 17.94 7.53 -11.11
CA GLN C 27 16.65 6.86 -11.05
C GLN C 27 16.79 5.49 -10.40
N CYS C 28 15.82 5.13 -9.57
CA CYS C 28 15.88 3.85 -8.88
C CYS C 28 15.40 2.71 -9.75
N MET C 29 16.25 1.71 -9.91
CA MET C 29 15.86 0.54 -10.69
C MET C 29 16.62 -0.64 -10.14
N GLY C 30 16.03 -1.82 -10.29
CA GLY C 30 16.67 -3.01 -9.76
C GLY C 30 15.63 -4.03 -9.37
N CYS C 31 16.00 -4.97 -8.52
CA CYS C 31 15.10 -6.04 -8.12
C CYS C 31 14.68 -6.10 -6.65
N CYS C 32 13.45 -6.54 -6.44
CA CYS C 32 12.87 -6.67 -5.12
C CYS C 32 12.08 -7.96 -4.97
N PHE C 33 11.95 -8.43 -3.74
CA PHE C 33 11.21 -9.65 -3.47
C PHE C 33 9.69 -9.49 -3.49
N SER C 34 9.02 -10.54 -3.94
CA SER C 34 7.58 -10.56 -4.00
C SER C 34 7.23 -12.02 -4.04
N ARG C 35 5.94 -12.33 -3.97
CA ARG C 35 5.51 -13.70 -4.00
C ARG C 35 4.00 -13.75 -4.05
N ALA C 36 3.47 -14.94 -4.25
CA ALA C 36 2.05 -15.16 -4.29
C ALA C 36 1.79 -16.46 -3.56
N TYR C 37 0.57 -16.58 -3.04
CA TYR C 37 0.14 -17.76 -2.30
C TYR C 37 -1.39 -17.76 -2.18
N PRO C 38 -1.97 -18.88 -1.73
CA PRO C 38 -3.42 -18.98 -1.59
C PRO C 38 -3.96 -18.07 -0.51
N THR C 39 -4.94 -17.26 -0.84
CA THR C 39 -5.51 -16.35 0.14
C THR C 39 -6.02 -17.13 1.34
N PRO C 40 -5.64 -16.69 2.57
CA PRO C 40 -6.07 -17.35 3.81
C PRO C 40 -7.54 -17.07 4.05
N LEU C 41 -8.25 -18.03 4.64
CA LEU C 41 -9.67 -17.86 4.90
C LEU C 41 -10.04 -16.59 5.63
N ARG C 42 -9.37 -16.32 6.75
CA ARG C 42 -9.63 -15.12 7.54
C ARG C 42 -9.64 -13.85 6.68
N SER C 43 -8.83 -13.83 5.61
CA SER C 43 -8.77 -12.67 4.73
C SER C 43 -9.73 -12.78 3.56
N LYS C 44 -10.01 -14.00 3.13
CA LYS C 44 -10.91 -14.23 2.01
C LYS C 44 -12.33 -13.81 2.39
N LYS C 45 -12.56 -13.64 3.69
CA LYS C 45 -13.86 -13.24 4.17
C LYS C 45 -13.95 -11.71 4.27
N THR C 46 -12.92 -11.10 4.84
CA THR C 46 -12.88 -9.65 5.01
C THR C 46 -12.81 -8.87 3.69
N MET C 47 -13.29 -9.47 2.60
CA MET C 47 -13.25 -8.78 1.32
C MET C 47 -14.56 -8.93 0.52
N LEU C 48 -14.94 -7.84 -0.16
CA LEU C 48 -16.18 -7.82 -0.96
C LEU C 48 -16.15 -8.87 -2.06
N VAL C 49 -15.12 -8.79 -2.91
CA VAL C 49 -14.97 -9.76 -3.97
C VAL C 49 -13.85 -10.70 -3.57
N GLN C 50 -14.21 -11.91 -3.19
CA GLN C 50 -13.24 -12.91 -2.77
C GLN C 50 -12.19 -13.17 -3.83
N LYS C 51 -10.94 -13.30 -3.39
CA LYS C 51 -9.84 -13.58 -4.31
C LYS C 51 -9.10 -14.78 -3.78
N ASN C 52 -9.18 -15.90 -4.49
CA ASN C 52 -8.51 -17.12 -4.07
C ASN C 52 -6.99 -16.98 -3.95
N VAL C 53 -6.41 -16.08 -4.73
CA VAL C 53 -4.98 -15.89 -4.68
C VAL C 53 -4.57 -14.53 -4.13
N THR C 54 -3.48 -14.52 -3.37
CA THR C 54 -2.95 -13.32 -2.77
C THR C 54 -1.52 -13.06 -3.21
N SER C 55 -1.25 -11.80 -3.54
CA SER C 55 0.09 -11.42 -3.96
C SER C 55 0.65 -10.40 -3.00
N GLU C 56 1.96 -10.49 -2.76
CA GLU C 56 2.67 -9.55 -1.89
C GLU C 56 3.84 -9.08 -2.70
N SER C 57 3.95 -7.78 -2.92
CA SER C 57 5.06 -7.28 -3.70
C SER C 57 5.64 -5.99 -3.19
N THR C 58 6.90 -5.78 -3.53
CA THR C 58 7.61 -4.57 -3.20
C THR C 58 8.21 -4.15 -4.54
N CYS C 59 8.73 -2.93 -4.60
CA CYS C 59 9.27 -2.41 -5.84
C CYS C 59 10.41 -1.47 -5.60
N CYS C 60 11.32 -1.42 -6.57
CA CYS C 60 12.44 -0.52 -6.46
C CYS C 60 11.86 0.87 -6.57
N VAL C 61 11.91 1.64 -5.50
CA VAL C 61 11.36 2.99 -5.54
C VAL C 61 12.23 3.98 -4.79
N ALA C 62 12.16 5.23 -5.21
CA ALA C 62 12.95 6.27 -4.59
C ALA C 62 12.53 6.52 -3.14
N LYS C 63 13.49 6.56 -2.23
CA LYS C 63 13.21 6.82 -0.83
C LYS C 63 13.04 8.33 -0.71
N SER C 64 13.85 9.06 -1.45
CA SER C 64 13.81 10.52 -1.43
C SER C 64 14.20 11.03 -2.81
N TYR C 65 13.91 12.30 -3.10
CA TYR C 65 14.25 12.84 -4.41
C TYR C 65 13.96 14.33 -4.58
N ASN C 66 14.57 14.94 -5.58
CA ASN C 66 14.38 16.36 -5.87
C ASN C 66 13.65 16.55 -7.19
N ARG C 67 12.81 17.57 -7.26
CA ARG C 67 12.11 17.87 -8.50
C ARG C 67 13.16 18.60 -9.35
N VAL C 68 13.03 18.51 -10.66
CA VAL C 68 13.96 19.18 -11.56
C VAL C 68 13.25 19.46 -12.88
N THR C 69 13.56 20.61 -13.46
CA THR C 69 12.95 21.01 -14.73
C THR C 69 13.87 20.65 -15.86
N VAL C 70 13.26 20.26 -16.98
CA VAL C 70 14.01 19.87 -18.16
C VAL C 70 13.32 20.44 -19.40
N MET C 71 13.70 19.97 -20.59
CA MET C 71 13.09 20.46 -21.81
C MET C 71 11.58 20.35 -21.66
N GLY C 72 10.86 21.21 -22.36
CA GLY C 72 9.39 21.20 -22.32
C GLY C 72 8.81 21.77 -21.04
N GLY C 73 9.69 22.14 -20.11
CA GLY C 73 9.22 22.69 -18.85
C GLY C 73 8.83 21.56 -17.91
N PHE C 74 8.77 20.35 -18.47
CA PHE C 74 8.42 19.15 -17.71
C PHE C 74 9.32 18.98 -16.51
N LYS C 75 8.75 18.45 -15.44
CA LYS C 75 9.53 18.21 -14.24
C LYS C 75 9.69 16.71 -14.10
N VAL C 76 10.88 16.28 -13.72
CA VAL C 76 11.15 14.88 -13.50
C VAL C 76 11.86 14.77 -12.16
N GLU C 77 11.59 13.70 -11.42
CA GLU C 77 12.25 13.56 -10.14
C GLU C 77 13.64 13.01 -10.33
N ASN C 78 14.55 13.46 -9.48
CA ASN C 78 15.94 13.04 -9.52
C ASN C 78 16.20 12.32 -8.21
N HIS C 79 16.10 11.00 -8.23
CA HIS C 79 16.28 10.21 -7.01
C HIS C 79 17.61 10.40 -6.33
N THR C 80 17.61 10.19 -5.02
CA THR C 80 18.80 10.37 -4.19
C THR C 80 19.12 9.13 -3.37
N ALA C 81 18.10 8.34 -3.07
CA ALA C 81 18.27 7.10 -2.32
C ALA C 81 17.20 6.12 -2.77
N CYS C 82 17.50 4.83 -2.73
CA CYS C 82 16.54 3.84 -3.17
C CYS C 82 16.34 2.68 -2.21
N HIS C 83 15.12 2.15 -2.18
CA HIS C 83 14.83 0.99 -1.36
C HIS C 83 13.64 0.25 -1.96
N CYS C 84 13.51 -1.03 -1.61
CA CYS C 84 12.41 -1.85 -2.10
C CYS C 84 11.22 -1.56 -1.21
N SER C 85 10.14 -1.06 -1.80
CA SER C 85 8.97 -0.69 -1.02
C SER C 85 7.64 -0.70 -1.76
N THR C 86 6.71 0.17 -1.36
CA THR C 86 5.38 0.17 -1.98
C THR C 86 5.40 0.26 -3.47
N CYS C 87 4.53 -0.50 -4.13
CA CYS C 87 4.47 -0.47 -5.58
C CYS C 87 3.26 0.36 -6.00
N TYR C 88 3.44 1.31 -6.91
CA TYR C 88 2.33 2.13 -7.40
C TYR C 88 2.10 3.37 -6.50
N TYR C 89 2.27 3.21 -5.19
CA TYR C 89 2.07 4.30 -4.23
C TYR C 89 3.20 5.33 -4.14
N HIS C 90 4.25 4.99 -3.38
CA HIS C 90 5.39 5.87 -3.16
C HIS C 90 6.31 5.13 -2.17
N LYS C 91 6.65 5.77 -1.06
CA LYS C 91 7.53 5.17 -0.05
C LYS C 91 7.59 6.06 1.21
N SER C 92 6.78 7.11 1.22
CA SER C 92 6.72 8.08 2.32
C SER C 92 6.12 7.50 3.62
N CYS D 3 12.31 -15.03 -9.40
CA CYS D 3 10.87 -15.43 -9.31
C CYS D 3 10.68 -16.82 -9.91
N GLU D 4 10.58 -17.84 -9.07
CA GLU D 4 10.39 -19.19 -9.58
C GLU D 4 9.56 -20.03 -8.61
N LEU D 5 8.91 -21.07 -9.13
CA LEU D 5 8.10 -21.95 -8.29
C LEU D 5 8.93 -22.40 -7.12
N THR D 6 8.37 -22.22 -5.93
CA THR D 6 9.03 -22.61 -4.70
C THR D 6 8.01 -23.39 -3.92
N ASN D 7 8.49 -24.33 -3.13
CA ASN D 7 7.61 -25.15 -2.32
C ASN D 7 7.27 -24.37 -1.07
N ILE D 8 5.98 -24.19 -0.79
CA ILE D 8 5.57 -23.50 0.41
C ILE D 8 4.53 -24.36 1.10
N THR D 9 4.06 -23.94 2.27
CA THR D 9 3.06 -24.73 2.96
C THR D 9 1.96 -23.80 3.48
N ILE D 10 0.78 -23.89 2.89
CA ILE D 10 -0.33 -23.05 3.32
C ILE D 10 -1.05 -23.66 4.50
N ALA D 11 -2.10 -22.98 4.95
CA ALA D 11 -2.86 -23.44 6.09
C ALA D 11 -4.33 -23.68 5.76
N ILE D 12 -4.83 -24.86 6.07
CA ILE D 12 -6.23 -25.20 5.81
C ILE D 12 -6.99 -24.97 7.11
N GLU D 13 -7.95 -24.06 7.07
CA GLU D 13 -8.71 -23.70 8.25
C GLU D 13 -10.11 -24.27 8.29
N LYS D 14 -10.37 -25.09 9.30
CA LYS D 14 -11.68 -25.67 9.46
C LYS D 14 -12.41 -24.86 10.54
N GLU D 15 -13.21 -23.90 10.11
CA GLU D 15 -13.95 -23.05 11.05
C GLU D 15 -14.75 -23.82 12.07
N GLU D 16 -15.72 -24.59 11.59
CA GLU D 16 -16.59 -25.36 12.47
C GLU D 16 -15.85 -26.02 13.63
N CYS D 17 -14.61 -26.45 13.41
CA CYS D 17 -13.87 -27.12 14.46
C CYS D 17 -12.76 -26.28 15.06
N ARG D 18 -12.77 -24.99 14.78
CA ARG D 18 -11.78 -24.07 15.31
C ARG D 18 -10.37 -24.65 15.34
N PHE D 19 -9.83 -24.95 14.16
CA PHE D 19 -8.47 -25.47 14.04
C PHE D 19 -8.01 -25.53 12.58
N CYS D 20 -6.69 -25.56 12.37
CA CYS D 20 -6.13 -25.61 11.01
C CYS D 20 -5.16 -26.77 10.85
N ILE D 21 -5.11 -27.31 9.64
CA ILE D 21 -4.16 -28.37 9.30
C ILE D 21 -3.30 -27.71 8.24
N SER D 22 -2.13 -28.28 7.99
CA SER D 22 -1.26 -27.70 6.97
C SER D 22 -1.04 -28.67 5.83
N ILE D 23 -1.03 -28.14 4.62
CA ILE D 23 -0.77 -28.95 3.44
C ILE D 23 0.28 -28.23 2.61
N ASN D 24 1.28 -28.98 2.13
CA ASN D 24 2.34 -28.37 1.33
C ASN D 24 1.84 -28.11 -0.09
N THR D 25 2.38 -27.10 -0.73
CA THR D 25 1.93 -26.78 -2.07
C THR D 25 2.92 -25.87 -2.77
N ALA D 26 3.02 -25.98 -4.09
CA ALA D 26 3.95 -25.16 -4.86
C ALA D 26 3.33 -23.87 -5.32
N TRP D 27 4.01 -22.78 -4.99
CA TRP D 27 3.57 -21.45 -5.39
C TRP D 27 4.76 -20.60 -5.81
N CYS D 28 4.49 -19.33 -6.11
CA CYS D 28 5.50 -18.39 -6.58
C CYS D 28 6.17 -17.47 -5.55
N ALA D 29 7.47 -17.26 -5.74
CA ALA D 29 8.25 -16.40 -4.86
C ALA D 29 9.62 -16.12 -5.47
N GLY D 30 10.13 -14.91 -5.31
CA GLY D 30 11.43 -14.58 -5.86
C GLY D 30 11.65 -13.10 -6.13
N TYR D 31 12.42 -12.79 -7.16
CA TYR D 31 12.72 -11.41 -7.51
C TYR D 31 12.35 -10.96 -8.91
N CYS D 32 12.10 -9.66 -9.04
CA CYS D 32 11.75 -9.08 -10.31
C CYS D 32 12.34 -7.68 -10.37
N TYR D 33 12.71 -7.28 -11.59
CA TYR D 33 13.30 -5.98 -11.84
C TYR D 33 12.18 -4.96 -12.04
N THR D 34 12.29 -3.83 -11.37
CA THR D 34 11.30 -2.76 -11.50
C THR D 34 12.05 -1.45 -11.54
N ARG D 35 11.41 -0.41 -12.04
CA ARG D 35 12.07 0.89 -12.09
C ARG D 35 11.04 1.90 -11.67
N ASP D 36 11.51 2.99 -11.07
CA ASP D 36 10.62 4.04 -10.62
C ASP D 36 10.76 5.17 -11.63
N LEU D 37 9.77 5.33 -12.48
CA LEU D 37 9.85 6.35 -13.51
C LEU D 37 10.13 7.72 -12.94
N VAL D 38 11.15 8.40 -13.45
CA VAL D 38 11.48 9.73 -12.97
C VAL D 38 10.53 10.74 -13.58
N TYR D 39 9.85 10.35 -14.65
CA TYR D 39 8.88 11.23 -15.29
C TYR D 39 7.53 10.53 -15.31
N LYS D 40 6.70 10.74 -14.29
CA LYS D 40 5.43 10.05 -14.29
C LYS D 40 4.18 10.85 -14.52
N ASP D 41 3.05 10.17 -14.46
CA ASP D 41 1.74 10.79 -14.63
C ASP D 41 0.87 10.32 -13.48
N PRO D 42 0.38 11.27 -12.65
CA PRO D 42 -0.48 10.96 -11.50
C PRO D 42 -1.72 10.18 -11.88
N ALA D 43 -2.41 10.65 -12.91
CA ALA D 43 -3.63 10.02 -13.39
C ALA D 43 -3.45 8.53 -13.61
N ARG D 44 -2.73 8.18 -14.68
CA ARG D 44 -2.49 6.78 -15.00
C ARG D 44 -1.03 6.39 -14.89
N PRO D 45 -0.63 5.90 -13.71
CA PRO D 45 0.74 5.47 -13.43
C PRO D 45 1.04 4.15 -14.12
N LYS D 46 2.32 3.81 -14.21
CA LYS D 46 2.73 2.56 -14.84
C LYS D 46 2.63 1.45 -13.81
N ILE D 47 2.13 0.29 -14.23
CA ILE D 47 2.03 -0.86 -13.34
C ILE D 47 3.32 -1.66 -13.46
N GLN D 48 3.90 -1.99 -12.31
CA GLN D 48 5.16 -2.71 -12.24
C GLN D 48 4.95 -4.23 -12.12
N LYS D 49 5.87 -5.02 -12.66
CA LYS D 49 5.75 -6.47 -12.60
C LYS D 49 5.89 -6.94 -11.15
N THR D 50 5.56 -8.20 -10.90
CA THR D 50 5.65 -8.79 -9.58
C THR D 50 5.75 -10.28 -9.73
N CYS D 51 6.41 -10.95 -8.79
CA CYS D 51 6.49 -12.40 -8.85
C CYS D 51 5.10 -12.95 -8.60
N THR D 52 4.64 -13.85 -9.44
CA THR D 52 3.31 -14.39 -9.28
C THR D 52 2.98 -15.48 -10.30
N PHE D 53 1.93 -16.23 -10.03
CA PHE D 53 1.55 -17.30 -10.92
C PHE D 53 1.18 -16.78 -12.31
N LYS D 54 1.48 -17.60 -13.32
CA LYS D 54 1.19 -17.30 -14.71
C LYS D 54 0.06 -18.25 -15.10
N GLU D 55 0.19 -19.48 -14.61
CA GLU D 55 -0.80 -20.53 -14.85
C GLU D 55 -0.96 -21.33 -13.56
N LEU D 56 -2.21 -21.50 -13.12
CA LEU D 56 -2.47 -22.23 -11.89
C LEU D 56 -3.58 -23.27 -12.04
N VAL D 57 -3.68 -24.16 -11.06
CA VAL D 57 -4.70 -25.21 -11.06
C VAL D 57 -5.24 -25.37 -9.66
N TYR D 58 -6.34 -26.11 -9.53
CA TYR D 58 -6.94 -26.36 -8.24
C TYR D 58 -6.79 -27.81 -7.80
N GLU D 59 -6.64 -28.00 -6.50
CA GLU D 59 -6.50 -29.34 -5.94
C GLU D 59 -7.44 -29.45 -4.76
N THR D 60 -7.81 -30.68 -4.41
CA THR D 60 -8.72 -30.89 -3.30
C THR D 60 -8.17 -31.86 -2.28
N VAL D 61 -8.54 -31.65 -1.01
CA VAL D 61 -8.08 -32.53 0.04
C VAL D 61 -9.21 -32.77 1.00
N ARG D 62 -9.28 -33.97 1.57
CA ARG D 62 -10.33 -34.27 2.51
C ARG D 62 -9.82 -33.89 3.88
N VAL D 63 -10.37 -32.80 4.41
CA VAL D 63 -9.98 -32.27 5.71
C VAL D 63 -10.77 -32.94 6.81
N PRO D 64 -10.10 -33.27 7.93
CA PRO D 64 -10.73 -33.92 9.06
C PRO D 64 -11.84 -33.07 9.66
N GLY D 65 -12.65 -33.71 10.51
CA GLY D 65 -13.73 -32.99 11.15
C GLY D 65 -13.53 -33.05 12.65
N CYS D 66 -14.63 -33.10 13.37
CA CYS D 66 -14.60 -33.17 14.82
C CYS D 66 -16.03 -33.51 15.19
N ALA D 67 -16.34 -33.54 16.49
CA ALA D 67 -17.71 -33.83 16.87
C ALA D 67 -18.57 -32.72 16.27
N HIS D 68 -19.88 -32.86 16.35
CA HIS D 68 -20.82 -31.87 15.81
C HIS D 68 -20.57 -31.38 14.39
N HIS D 69 -19.50 -31.85 13.75
CA HIS D 69 -19.23 -31.46 12.37
C HIS D 69 -18.40 -32.47 11.59
N ALA D 70 -18.95 -32.92 10.48
CA ALA D 70 -18.33 -33.91 9.61
C ALA D 70 -17.12 -33.41 8.82
N ASP D 71 -16.28 -34.35 8.38
CA ASP D 71 -15.10 -34.01 7.60
C ASP D 71 -15.55 -33.50 6.24
N SER D 72 -14.69 -32.77 5.55
CA SER D 72 -15.08 -32.22 4.25
C SER D 72 -13.96 -32.14 3.21
N LEU D 73 -14.30 -31.47 2.11
CA LEU D 73 -13.38 -31.29 1.01
C LEU D 73 -12.93 -29.84 1.00
N TYR D 74 -11.70 -29.61 0.59
CA TYR D 74 -11.18 -28.26 0.53
C TYR D 74 -10.35 -28.15 -0.73
N THR D 75 -10.84 -27.39 -1.70
CA THR D 75 -10.11 -27.19 -2.93
C THR D 75 -9.32 -25.90 -2.77
N TYR D 76 -8.08 -25.88 -3.27
CA TYR D 76 -7.22 -24.72 -3.15
C TYR D 76 -6.37 -24.57 -4.40
N PRO D 77 -6.08 -23.32 -4.81
CA PRO D 77 -5.28 -23.04 -6.00
C PRO D 77 -3.81 -23.40 -5.83
N VAL D 78 -3.22 -23.97 -6.87
CA VAL D 78 -1.82 -24.37 -6.88
C VAL D 78 -1.15 -23.81 -8.12
N ALA D 79 0.09 -23.36 -7.99
CA ALA D 79 0.80 -22.77 -9.10
C ALA D 79 1.42 -23.79 -10.04
N THR D 80 1.22 -23.57 -11.34
CA THR D 80 1.75 -24.43 -12.38
C THR D 80 3.02 -23.78 -12.88
N GLN D 81 2.92 -22.48 -13.18
CA GLN D 81 4.05 -21.71 -13.67
C GLN D 81 4.11 -20.29 -13.10
N CYS D 82 5.32 -19.87 -12.71
CA CYS D 82 5.57 -18.54 -12.14
C CYS D 82 6.24 -17.60 -13.15
N HIS D 83 6.06 -16.30 -12.96
CA HIS D 83 6.68 -15.31 -13.84
C HIS D 83 6.53 -13.91 -13.29
N CYS D 84 7.45 -13.02 -13.67
CA CYS D 84 7.37 -11.63 -13.26
C CYS D 84 6.39 -10.99 -14.22
N GLY D 85 5.20 -10.66 -13.72
CA GLY D 85 4.19 -10.08 -14.58
C GLY D 85 3.24 -9.20 -13.81
N LYS D 86 2.31 -8.58 -14.52
CA LYS D 86 1.34 -7.69 -13.90
C LYS D 86 0.54 -8.52 -12.89
N CYS D 87 0.12 -7.89 -11.79
CA CYS D 87 -0.66 -8.60 -10.79
C CYS D 87 -2.08 -8.68 -11.28
N ASP D 88 -2.54 -9.88 -11.58
CA ASP D 88 -3.89 -10.09 -12.10
C ASP D 88 -4.99 -9.72 -11.12
N SER D 89 -5.47 -8.49 -11.25
CA SER D 89 -6.53 -7.95 -10.39
C SER D 89 -7.78 -8.83 -10.28
N ASP D 90 -8.18 -9.46 -11.38
CA ASP D 90 -9.36 -10.31 -11.38
C ASP D 90 -9.32 -11.53 -10.47
N SER D 91 -8.17 -12.18 -10.38
CA SER D 91 -8.06 -13.38 -9.54
C SER D 91 -7.19 -13.16 -8.33
N THR D 92 -6.47 -12.04 -8.31
CA THR D 92 -5.57 -11.78 -7.21
C THR D 92 -5.83 -10.56 -6.36
N ASP D 93 -5.55 -10.70 -5.07
CA ASP D 93 -5.68 -9.60 -4.13
C ASP D 93 -4.26 -9.04 -4.16
N CYS D 94 -4.08 -7.99 -4.95
CA CYS D 94 -2.77 -7.36 -5.13
C CYS D 94 -2.42 -6.47 -3.95
N THR D 95 -1.44 -6.90 -3.16
CA THR D 95 -1.11 -6.16 -1.95
C THR D 95 0.36 -6.07 -1.63
N VAL D 96 0.70 -5.22 -0.67
CA VAL D 96 2.08 -5.05 -0.22
C VAL D 96 2.31 -6.17 0.79
N ARG D 97 1.31 -6.35 1.66
CA ARG D 97 1.34 -7.35 2.73
C ARG D 97 -0.02 -7.99 2.88
N GLY D 98 -0.01 -9.26 3.28
CA GLY D 98 -1.24 -10.00 3.51
C GLY D 98 -1.09 -10.67 4.85
N LEU D 99 -2.00 -11.57 5.19
CA LEU D 99 -1.91 -12.25 6.48
C LEU D 99 -0.87 -13.35 6.46
N GLY D 100 -0.49 -13.81 5.28
CA GLY D 100 0.50 -14.87 5.19
C GLY D 100 -0.11 -16.19 4.77
N PRO D 101 0.62 -17.00 3.98
CA PRO D 101 0.11 -18.29 3.52
C PRO D 101 -0.27 -19.26 4.62
N SER D 102 0.55 -19.33 5.68
CA SER D 102 0.27 -20.26 6.77
C SER D 102 -0.52 -19.66 7.94
N TYR D 103 -1.10 -18.48 7.73
CA TYR D 103 -1.88 -17.85 8.79
C TYR D 103 -2.99 -18.78 9.22
N CYS D 104 -3.27 -18.80 10.52
CA CYS D 104 -4.34 -19.63 11.04
C CYS D 104 -5.16 -18.81 12.03
N SER D 105 -6.42 -18.62 11.69
CA SER D 105 -7.35 -17.86 12.52
C SER D 105 -7.40 -18.36 13.96
N PHE D 106 -6.97 -19.60 14.18
CA PHE D 106 -6.96 -20.17 15.52
C PHE D 106 -5.54 -20.54 15.91
N GLY D 107 -5.39 -21.30 16.98
CA GLY D 107 -4.05 -21.66 17.40
C GLY D 107 -3.89 -23.10 17.77
N GLU D 108 -2.66 -23.59 17.68
CA GLU D 108 -2.31 -24.97 18.01
C GLU D 108 -3.21 -26.00 17.32
#